data_1Q96
#
_entry.id   1Q96
#
_cell.length_a   42.246
_cell.length_b   42.246
_cell.length_c   336.915
_cell.angle_alpha   90.00
_cell.angle_beta   90.00
_cell.angle_gamma   90.00
#
_symmetry.space_group_name_H-M   'P 43 2 2'
#
loop_
_entity.id
_entity.type
_entity.pdbx_description
1 polymer 'sarcin/ricin 28S rRNA'
2 non-polymer 'SULFATE ION'
3 water water
#
_entity_poly.entity_id   1
_entity_poly.type   'polyribonucleotide'
_entity_poly.pdbx_seq_one_letter_code
;GGUGCUCAGUAUGAGAAGAACCGCACC
;
_entity_poly.pdbx_strand_id   A,B,C
#
loop_
_chem_comp.id
_chem_comp.type
_chem_comp.name
_chem_comp.formula
A RNA linking ADENOSINE-5'-MONOPHOSPHATE 'C10 H14 N5 O7 P'
C RNA linking CYTIDINE-5'-MONOPHOSPHATE 'C9 H14 N3 O8 P'
G RNA linking GUANOSINE-5'-MONOPHOSPHATE 'C10 H14 N5 O8 P'
N RNA linking 'ANY 5'-MONOPHOSPHATE NUCLEOTIDE' 'C5 H11 O7 P'
SO4 non-polymer 'SULFATE ION' 'O4 S -2'
U RNA linking URIDINE-5'-MONOPHOSPHATE 'C9 H13 N2 O9 P'
#
# COMPACT_ATOMS: atom_id res chain seq x y z
S SO4 D . -23.94 13.95 5.25
O1 SO4 D . -24.94 14.74 4.55
O2 SO4 D . -22.71 13.78 4.37
O3 SO4 D . -23.50 14.58 6.60
O4 SO4 D . -24.54 12.59 5.64
S SO4 E . -20.32 8.31 -7.32
O1 SO4 E . -21.33 9.28 -6.92
O2 SO4 E . -19.94 8.54 -8.77
O3 SO4 E . -19.03 8.37 -6.46
O4 SO4 E . -20.86 6.88 -7.09
S SO4 F . -2.78 1.96 12.79
O1 SO4 F . -2.06 1.82 14.04
O2 SO4 F . -3.18 0.60 12.26
O3 SO4 F . -4.06 2.83 12.93
O4 SO4 F . -1.91 2.73 11.79
S SO4 G . 47.01 -24.23 -10.75
O1 SO4 G . 47.28 -25.64 -10.94
O2 SO4 G . 45.90 -23.79 -11.67
O3 SO4 G . 46.61 -23.88 -9.30
O4 SO4 G . 48.29 -23.42 -10.98
#